data_5TK9
#
_entry.id   5TK9
#
_cell.length_a   143.031
_cell.length_b   143.031
_cell.length_c   53.786
_cell.angle_alpha   90.00
_cell.angle_beta   90.00
_cell.angle_gamma   120.00
#
_symmetry.space_group_name_H-M   'H 3 2'
#
loop_
_entity.id
_entity.type
_entity.pdbx_description
1 polymer 'OxsA protein'
2 non-polymer 'MAGNESIUM ION'
3 non-polymer [(2S,3R,4R)-4-(6-amino-9H-purin-9-yl)oxetane-2,3-diyl]dimethanol
4 water water
#
_entity_poly.entity_id   1
_entity_poly.type   'polypeptide(L)'
_entity_poly.pdbx_seq_one_letter_code
;MSSLLDIIYQLRQVPRWDGSFQFEKEDVSQHSFSVIAISHILCELKETLEGKKINKEKLLLYALYHDVTEVVSTHIISPV
KKNSILKDPFNAFREQIKNSLFDNLPITLSDTLSTILNNNDLEIQEIVEHADHVDAYCKSCIEVHRGNKDFISIQRSLGD
KLDNLTKEYPYLKEFQNLFLKDFPLENKNYRYLN
;
_entity_poly.pdbx_strand_id   A
#
loop_
_chem_comp.id
_chem_comp.type
_chem_comp.name
_chem_comp.formula
7D7 non-polymer [(2S,3R,4R)-4-(6-amino-9H-purin-9-yl)oxetane-2,3-diyl]dimethanol 'C10 H13 N5 O3'
MG non-polymer 'MAGNESIUM ION' 'Mg 2'
#
# COMPACT_ATOMS: atom_id res chain seq x y z
N SER A 2 -7.58 -23.84 -8.79
CA SER A 2 -7.50 -22.56 -8.10
C SER A 2 -6.87 -21.48 -8.97
N SER A 3 -7.38 -20.26 -8.88
CA SER A 3 -6.86 -19.14 -9.63
C SER A 3 -5.86 -18.32 -8.83
N LEU A 4 -5.50 -18.78 -7.63
CA LEU A 4 -4.69 -17.94 -6.72
C LEU A 4 -3.34 -17.61 -7.33
N LEU A 5 -2.65 -18.60 -7.90
CA LEU A 5 -1.33 -18.32 -8.47
C LEU A 5 -1.44 -17.44 -9.72
N ASP A 6 -2.47 -17.68 -10.54
CA ASP A 6 -2.69 -16.81 -11.70
C ASP A 6 -2.89 -15.35 -11.26
N ILE A 7 -3.67 -15.15 -10.21
CA ILE A 7 -3.95 -13.81 -9.70
C ILE A 7 -2.67 -13.14 -9.23
N ILE A 8 -1.79 -13.89 -8.54
CA ILE A 8 -0.55 -13.31 -8.04
C ILE A 8 0.27 -12.70 -9.18
N TYR A 9 0.34 -13.40 -10.31
CA TYR A 9 1.06 -12.86 -11.46
C TYR A 9 0.22 -11.87 -12.26
N GLN A 10 -1.11 -12.02 -12.27
CA GLN A 10 -1.95 -11.09 -13.01
C GLN A 10 -1.94 -9.69 -12.39
N LEU A 11 -1.55 -9.55 -11.13
CA LEU A 11 -1.46 -8.19 -10.56
C LEU A 11 -0.43 -7.34 -11.29
N ARG A 12 0.50 -7.95 -12.00
CA ARG A 12 1.45 -7.19 -12.81
C ARG A 12 0.75 -6.47 -13.96
N GLN A 13 -0.44 -6.91 -14.35
CA GLN A 13 -1.17 -6.27 -15.45
C GLN A 13 -2.12 -5.19 -14.97
N VAL A 14 -2.04 -4.82 -13.69
CA VAL A 14 -2.90 -3.80 -13.11
C VAL A 14 -2.05 -2.56 -12.91
N PRO A 15 -2.17 -1.53 -13.72
CA PRO A 15 -1.33 -0.35 -13.57
C PRO A 15 -1.90 0.62 -12.55
N ARG A 16 -1.00 1.33 -11.90
CA ARG A 16 -1.36 2.40 -10.98
C ARG A 16 -1.12 3.75 -11.64
N TRP A 17 -1.65 4.80 -11.01
CA TRP A 17 -1.48 6.20 -11.43
C TRP A 17 -2.10 6.47 -12.80
N ASP A 18 -3.20 5.79 -13.15
CA ASP A 18 -3.91 6.11 -14.39
C ASP A 18 -4.15 7.61 -14.50
N GLY A 19 -4.01 8.15 -15.72
CA GLY A 19 -4.29 9.55 -15.95
C GLY A 19 -3.14 10.48 -15.65
N SER A 20 -2.04 9.98 -15.10
CA SER A 20 -0.85 10.79 -14.82
C SER A 20 0.29 10.34 -15.69
N PHE A 21 1.03 11.29 -16.26
CA PHE A 21 2.28 10.92 -16.93
C PHE A 21 3.28 10.40 -15.90
N GLN A 22 3.93 9.27 -16.21
CA GLN A 22 4.98 8.69 -15.39
C GLN A 22 6.19 8.37 -16.24
N PHE A 23 7.40 8.71 -15.75
CA PHE A 23 8.61 8.20 -16.37
C PHE A 23 8.77 6.70 -16.15
N GLU A 24 8.22 6.17 -15.07
CA GLU A 24 8.26 4.72 -14.85
C GLU A 24 6.86 4.24 -14.49
N LYS A 25 6.31 3.36 -15.32
CA LYS A 25 5.01 2.81 -15.01
C LYS A 25 5.13 1.83 -13.85
N GLU A 26 4.11 1.79 -13.03
CA GLU A 26 4.13 1.00 -11.81
C GLU A 26 2.90 0.11 -11.79
N ASP A 27 3.09 -1.15 -11.40
CA ASP A 27 1.97 -2.09 -11.29
C ASP A 27 1.73 -2.46 -9.84
N VAL A 28 0.65 -3.21 -9.62
CA VAL A 28 0.24 -3.50 -8.25
C VAL A 28 1.23 -4.43 -7.55
N SER A 29 1.95 -5.29 -8.29
CA SER A 29 2.90 -6.18 -7.62
C SER A 29 4.09 -5.39 -7.08
N GLN A 30 4.62 -4.45 -7.86
CA GLN A 30 5.72 -3.62 -7.37
C GLN A 30 5.27 -2.80 -6.16
N HIS A 31 4.10 -2.19 -6.25
CA HIS A 31 3.55 -1.42 -5.13
C HIS A 31 3.38 -2.29 -3.89
N SER A 32 2.86 -3.51 -4.07
CA SER A 32 2.60 -4.36 -2.91
C SER A 32 3.89 -4.82 -2.27
N PHE A 33 4.92 -5.10 -3.08
CA PHE A 33 6.23 -5.38 -2.52
C PHE A 33 6.70 -4.25 -1.61
N SER A 34 6.58 -3.01 -2.07
CA SER A 34 7.04 -1.86 -1.26
C SER A 34 6.19 -1.72 -0.01
N VAL A 35 4.88 -1.95 -0.13
CA VAL A 35 4.00 -1.80 1.03
C VAL A 35 4.29 -2.86 2.08
N ILE A 36 4.59 -4.10 1.66
CA ILE A 36 4.97 -5.12 2.63
C ILE A 36 6.21 -4.67 3.40
N ALA A 37 7.24 -4.20 2.68
CA ALA A 37 8.48 -3.81 3.33
C ALA A 37 8.26 -2.58 4.22
N ILE A 38 7.47 -1.62 3.76
CA ILE A 38 7.22 -0.44 4.59
C ILE A 38 6.39 -0.82 5.81
N SER A 39 5.38 -1.66 5.62
CA SER A 39 4.56 -2.12 6.74
C SER A 39 5.42 -2.78 7.80
N HIS A 40 6.39 -3.58 7.38
CA HIS A 40 7.26 -4.23 8.35
C HIS A 40 8.07 -3.19 9.12
N ILE A 41 8.67 -2.23 8.42
CA ILE A 41 9.47 -1.20 9.08
C ILE A 41 8.61 -0.38 10.04
N LEU A 42 7.42 0.03 9.58
CA LEU A 42 6.53 0.79 10.44
C LEU A 42 6.17 -0.01 11.69
N CYS A 43 5.94 -1.30 11.51
CA CYS A 43 5.57 -2.16 12.63
C CYS A 43 6.67 -2.21 13.68
N GLU A 44 7.94 -2.38 13.25
CA GLU A 44 9.04 -2.43 14.20
C GLU A 44 9.18 -1.13 14.97
N LEU A 45 9.02 0.01 14.28
CA LEU A 45 9.09 1.31 14.97
C LEU A 45 7.95 1.44 15.97
N LYS A 46 6.74 1.09 15.52
CA LYS A 46 5.57 1.20 16.38
C LYS A 46 5.68 0.28 17.59
N GLU A 47 6.21 -0.93 17.41
CA GLU A 47 6.38 -1.83 18.54
C GLU A 47 7.28 -1.20 19.59
N THR A 48 8.42 -0.66 19.16
CA THR A 48 9.37 -0.07 20.08
C THR A 48 8.78 1.17 20.74
N LEU A 49 8.12 2.03 19.97
CA LEU A 49 7.62 3.29 20.51
C LEU A 49 6.40 3.12 21.39
N GLU A 50 5.52 2.18 21.06
CA GLU A 50 4.24 2.06 21.72
C GLU A 50 4.20 0.91 22.72
N GLY A 51 5.31 0.20 22.92
CA GLY A 51 5.40 -0.83 23.93
C GLY A 51 4.50 -2.01 23.70
N LYS A 52 4.62 -2.65 22.54
CA LYS A 52 3.74 -3.74 22.18
C LYS A 52 4.45 -4.67 21.21
N LYS A 53 3.76 -5.76 20.88
CA LYS A 53 4.19 -6.67 19.82
C LYS A 53 2.99 -6.96 18.94
N ILE A 54 3.15 -6.74 17.64
CA ILE A 54 2.13 -7.02 16.65
C ILE A 54 2.37 -8.41 16.08
N ASN A 55 1.30 -9.10 15.69
CA ASN A 55 1.44 -10.39 15.01
C ASN A 55 1.97 -10.11 13.61
N LYS A 56 3.27 -10.28 13.40
CA LYS A 56 3.83 -9.84 12.13
C LYS A 56 3.46 -10.79 10.99
N GLU A 57 3.19 -12.07 11.27
CA GLU A 57 2.67 -12.92 10.20
C GLU A 57 1.41 -12.33 9.60
N LYS A 58 0.45 -11.96 10.46
CA LYS A 58 -0.81 -11.44 9.97
C LYS A 58 -0.64 -10.11 9.27
N LEU A 59 0.24 -9.26 9.80
CA LEU A 59 0.49 -7.97 9.17
C LEU A 59 1.07 -8.16 7.77
N LEU A 60 2.07 -9.00 7.64
CA LEU A 60 2.75 -9.13 6.36
C LEU A 60 1.84 -9.77 5.32
N LEU A 61 1.07 -10.78 5.74
CA LEU A 61 0.14 -11.41 4.81
C LEU A 61 -0.96 -10.44 4.41
N TYR A 62 -1.42 -9.59 5.33
CA TYR A 62 -2.42 -8.59 4.97
C TYR A 62 -1.85 -7.58 3.98
N ALA A 63 -0.62 -7.10 4.24
CA ALA A 63 0.01 -6.19 3.28
C ALA A 63 0.19 -6.86 1.93
N LEU A 64 0.58 -8.14 1.93
CA LEU A 64 0.82 -8.86 0.67
C LEU A 64 -0.42 -8.88 -0.20
N TYR A 65 -1.58 -9.14 0.39
CA TYR A 65 -2.83 -9.25 -0.35
C TYR A 65 -3.69 -8.00 -0.30
N HIS A 66 -3.19 -6.88 0.25
CA HIS A 66 -4.10 -5.77 0.56
C HIS A 66 -4.81 -5.23 -0.67
N ASP A 67 -4.21 -5.37 -1.85
CA ASP A 67 -4.84 -4.84 -3.06
C ASP A 67 -5.19 -5.96 -4.04
N VAL A 68 -5.33 -7.19 -3.56
CA VAL A 68 -5.50 -8.31 -4.48
C VAL A 68 -6.83 -8.20 -5.22
N THR A 69 -7.82 -7.52 -4.65
CA THR A 69 -9.09 -7.37 -5.35
C THR A 69 -8.99 -6.48 -6.57
N GLU A 70 -7.89 -5.74 -6.74
CA GLU A 70 -7.74 -4.93 -7.94
C GLU A 70 -7.49 -5.77 -9.18
N VAL A 71 -7.27 -7.08 -9.03
CA VAL A 71 -7.22 -7.94 -10.20
C VAL A 71 -8.59 -8.01 -10.87
N VAL A 72 -9.64 -7.70 -10.13
CA VAL A 72 -11.00 -7.61 -10.66
C VAL A 72 -11.41 -6.16 -10.89
N SER A 73 -11.21 -5.31 -9.88
CA SER A 73 -11.68 -3.92 -9.95
C SER A 73 -10.80 -3.03 -10.82
N THR A 74 -9.58 -3.49 -11.13
CA THR A 74 -8.48 -2.64 -11.58
C THR A 74 -8.16 -1.65 -10.48
N HIS A 75 -7.15 -0.82 -10.69
CA HIS A 75 -6.73 0.13 -9.68
C HIS A 75 -7.40 1.48 -9.96
N ILE A 76 -8.42 1.81 -9.15
CA ILE A 76 -9.10 3.09 -9.24
C ILE A 76 -8.31 4.09 -8.40
N ILE A 77 -7.83 5.18 -9.02
CA ILE A 77 -6.99 6.13 -8.30
C ILE A 77 -7.80 6.82 -7.19
N SER A 78 -7.10 7.22 -6.12
CA SER A 78 -7.80 7.70 -4.94
C SER A 78 -8.66 8.94 -5.14
N PRO A 79 -8.29 9.93 -5.97
CA PRO A 79 -9.22 11.05 -6.21
C PRO A 79 -10.58 10.61 -6.73
N VAL A 80 -10.65 9.48 -7.42
CA VAL A 80 -11.92 8.97 -7.93
C VAL A 80 -12.61 8.10 -6.90
N LYS A 81 -11.88 7.11 -6.37
CA LYS A 81 -12.43 6.19 -5.39
C LYS A 81 -12.96 6.90 -4.16
N LYS A 82 -12.34 8.02 -3.77
CA LYS A 82 -12.75 8.76 -2.58
C LYS A 82 -13.82 9.79 -2.84
N ASN A 83 -14.27 9.93 -4.09
CA ASN A 83 -15.40 10.80 -4.37
C ASN A 83 -16.63 10.29 -3.63
N SER A 84 -17.41 11.23 -3.07
CA SER A 84 -18.55 10.84 -2.25
C SER A 84 -19.56 10.03 -3.04
N ILE A 85 -19.65 10.25 -4.36
CA ILE A 85 -20.57 9.48 -5.20
C ILE A 85 -20.14 8.02 -5.26
N LEU A 86 -18.84 7.75 -5.24
CA LEU A 86 -18.32 6.42 -5.50
C LEU A 86 -17.77 5.72 -4.27
N LYS A 87 -17.52 6.46 -3.18
CA LYS A 87 -16.81 5.92 -2.02
C LYS A 87 -17.45 4.63 -1.50
N ASP A 88 -18.73 4.71 -1.11
CA ASP A 88 -19.41 3.55 -0.51
C ASP A 88 -19.70 2.44 -1.53
N PRO A 89 -20.19 2.75 -2.73
CA PRO A 89 -20.35 1.66 -3.73
C PRO A 89 -19.05 0.93 -4.04
N PHE A 90 -17.92 1.64 -4.12
CA PHE A 90 -16.65 0.95 -4.36
C PHE A 90 -16.31 0.01 -3.21
N ASN A 91 -16.58 0.43 -1.97
CA ASN A 91 -16.32 -0.46 -0.84
C ASN A 91 -17.27 -1.66 -0.85
N ALA A 92 -18.50 -1.47 -1.30
CA ALA A 92 -19.40 -2.62 -1.47
C ALA A 92 -18.92 -3.52 -2.60
N PHE A 93 -18.45 -2.91 -3.69
CA PHE A 93 -17.88 -3.68 -4.79
C PHE A 93 -16.68 -4.49 -4.32
N ARG A 94 -15.77 -3.85 -3.57
CA ARG A 94 -14.60 -4.56 -3.08
C ARG A 94 -14.98 -5.71 -2.16
N GLU A 95 -16.07 -5.55 -1.40
CA GLU A 95 -16.51 -6.65 -0.55
C GLU A 95 -17.06 -7.80 -1.38
N GLN A 96 -17.77 -7.49 -2.47
CA GLN A 96 -18.29 -8.53 -3.34
C GLN A 96 -17.17 -9.34 -3.97
N ILE A 97 -16.06 -8.68 -4.35
CA ILE A 97 -14.94 -9.40 -4.93
C ILE A 97 -14.33 -10.35 -3.92
N LYS A 98 -14.11 -9.87 -2.69
CA LYS A 98 -13.54 -10.71 -1.63
C LYS A 98 -14.34 -12.00 -1.46
N ASN A 99 -15.67 -11.92 -1.60
CA ASN A 99 -16.55 -13.04 -1.33
C ASN A 99 -16.45 -14.16 -2.36
N SER A 100 -15.85 -13.91 -3.53
CA SER A 100 -15.89 -14.86 -4.62
C SER A 100 -14.52 -15.31 -5.11
N LEU A 101 -13.44 -14.92 -4.46
CA LEU A 101 -12.12 -15.02 -5.10
C LEU A 101 -11.58 -16.44 -5.09
N PHE A 102 -11.46 -17.05 -3.91
CA PHE A 102 -10.66 -18.27 -3.75
C PHE A 102 -11.59 -19.48 -3.70
N ASP A 103 -11.90 -20.02 -4.88
CA ASP A 103 -12.97 -21.00 -4.99
C ASP A 103 -12.50 -22.41 -4.68
N ASN A 104 -11.50 -22.90 -5.42
CA ASN A 104 -11.10 -24.31 -5.36
C ASN A 104 -9.74 -24.45 -4.69
N LEU A 105 -9.72 -24.25 -3.37
CA LEU A 105 -8.51 -24.29 -2.55
C LEU A 105 -8.66 -25.30 -1.41
N PRO A 106 -7.54 -25.85 -0.91
CA PRO A 106 -7.60 -26.66 0.31
C PRO A 106 -7.87 -25.80 1.54
N ILE A 107 -8.45 -26.44 2.55
CA ILE A 107 -8.98 -25.69 3.70
C ILE A 107 -7.88 -24.96 4.46
N THR A 108 -6.64 -25.47 4.39
CA THR A 108 -5.52 -24.71 4.95
C THR A 108 -5.39 -23.36 4.25
N LEU A 109 -5.36 -23.37 2.92
CA LEU A 109 -5.28 -22.13 2.16
C LEU A 109 -6.61 -21.38 2.22
N SER A 110 -7.72 -22.09 2.04
CA SER A 110 -9.02 -21.43 1.89
C SER A 110 -9.34 -20.56 3.11
N ASP A 111 -9.29 -21.14 4.31
CA ASP A 111 -9.63 -20.37 5.49
C ASP A 111 -8.54 -19.36 5.83
N THR A 112 -7.27 -19.73 5.64
CA THR A 112 -6.19 -18.79 5.90
C THR A 112 -6.32 -17.56 5.00
N LEU A 113 -6.69 -17.78 3.74
CA LEU A 113 -6.84 -16.65 2.81
C LEU A 113 -8.09 -15.83 3.11
N SER A 114 -9.19 -16.49 3.46
CA SER A 114 -10.37 -15.73 3.89
C SER A 114 -10.08 -14.94 5.15
N THR A 115 -9.34 -15.55 6.08
CA THR A 115 -8.94 -14.83 7.29
C THR A 115 -8.12 -13.60 6.94
N ILE A 116 -7.21 -13.72 5.99
CA ILE A 116 -6.37 -12.58 5.58
C ILE A 116 -7.25 -11.50 4.98
N LEU A 117 -8.11 -11.87 4.02
CA LEU A 117 -8.89 -10.87 3.30
C LEU A 117 -9.88 -10.16 4.22
N ASN A 118 -10.74 -10.91 4.91
CA ASN A 118 -11.72 -10.35 5.84
C ASN A 118 -11.14 -10.05 7.22
N ASN A 119 -9.90 -9.59 7.28
CA ASN A 119 -9.27 -9.27 8.55
C ASN A 119 -10.09 -8.23 9.30
N ASN A 120 -10.22 -8.41 10.62
CA ASN A 120 -10.81 -7.36 11.44
C ASN A 120 -9.85 -6.87 12.52
N ASP A 121 -8.55 -7.08 12.33
CA ASP A 121 -7.56 -6.44 13.17
C ASP A 121 -7.40 -5.00 12.71
N LEU A 122 -7.94 -4.05 13.49
CA LEU A 122 -7.96 -2.66 13.08
C LEU A 122 -6.55 -2.08 13.03
N GLU A 123 -5.65 -2.57 13.88
CA GLU A 123 -4.32 -2.00 13.93
C GLU A 123 -3.50 -2.41 12.72
N ILE A 124 -3.59 -3.68 12.33
CA ILE A 124 -2.92 -4.11 11.10
C ILE A 124 -3.47 -3.34 9.90
N GLN A 125 -4.80 -3.15 9.85
CA GLN A 125 -5.39 -2.38 8.75
C GLN A 125 -4.85 -0.96 8.73
N GLU A 126 -4.66 -0.37 9.91
CA GLU A 126 -4.16 0.99 9.99
C GLU A 126 -2.70 1.09 9.58
N ILE A 127 -1.87 0.14 9.99
CA ILE A 127 -0.46 0.17 9.60
C ILE A 127 -0.34 0.09 8.08
N VAL A 128 -1.11 -0.80 7.47
CA VAL A 128 -1.02 -0.99 6.02
C VAL A 128 -1.58 0.23 5.29
N GLU A 129 -2.63 0.86 5.84
CA GLU A 129 -3.12 2.11 5.25
C GLU A 129 -2.05 3.19 5.30
N HIS A 130 -1.34 3.29 6.42
CA HIS A 130 -0.24 4.24 6.49
C HIS A 130 0.87 3.88 5.53
N ALA A 131 1.23 2.59 5.46
CA ALA A 131 2.26 2.17 4.52
C ALA A 131 1.86 2.50 3.09
N ASP A 132 0.58 2.34 2.78
CA ASP A 132 0.07 2.66 1.44
C ASP A 132 0.26 4.13 1.13
N HIS A 133 -0.02 4.99 2.10
CA HIS A 133 0.20 6.41 1.88
C HIS A 133 1.67 6.74 1.76
N VAL A 134 2.52 6.12 2.59
CA VAL A 134 3.96 6.35 2.48
C VAL A 134 4.45 5.95 1.09
N ASP A 135 4.00 4.80 0.60
CA ASP A 135 4.46 4.36 -0.71
C ASP A 135 4.05 5.32 -1.81
N ALA A 136 2.82 5.82 -1.76
CA ALA A 136 2.37 6.78 -2.75
C ALA A 136 3.24 8.04 -2.71
N TYR A 137 3.54 8.51 -1.50
CA TYR A 137 4.44 9.66 -1.38
C TYR A 137 5.82 9.35 -1.97
N CYS A 138 6.36 8.18 -1.66
CA CYS A 138 7.68 7.79 -2.18
C CYS A 138 7.69 7.74 -3.70
N LYS A 139 6.66 7.16 -4.30
CA LYS A 139 6.57 7.18 -5.76
C LYS A 139 6.55 8.61 -6.28
N SER A 140 5.79 9.49 -5.63
CA SER A 140 5.76 10.87 -6.10
C SER A 140 7.12 11.49 -5.98
N CYS A 141 7.88 11.13 -4.94
CA CYS A 141 9.24 11.63 -4.77
C CYS A 141 10.16 11.18 -5.88
N ILE A 142 10.05 9.89 -6.25
CA ILE A 142 10.91 9.36 -7.30
C ILE A 142 10.59 10.03 -8.64
N GLU A 143 9.30 10.20 -8.95
CA GLU A 143 8.95 10.86 -10.21
C GLU A 143 9.46 12.30 -10.25
N VAL A 144 9.24 13.06 -9.18
CA VAL A 144 9.79 14.42 -9.13
C VAL A 144 11.30 14.39 -9.30
N HIS A 145 11.97 13.46 -8.63
CA HIS A 145 13.42 13.29 -8.77
C HIS A 145 13.83 13.02 -10.21
N ARG A 146 13.09 12.15 -10.92
CA ARG A 146 13.35 11.92 -12.33
C ARG A 146 13.17 13.17 -13.17
N GLY A 147 12.49 14.18 -12.67
CA GLY A 147 12.25 15.38 -13.42
C GLY A 147 10.81 15.58 -13.84
N ASN A 148 9.86 14.89 -13.21
CA ASN A 148 8.46 14.88 -13.66
C ASN A 148 7.70 15.98 -12.94
N LYS A 149 7.61 17.14 -13.59
CA LYS A 149 6.93 18.28 -13.00
C LYS A 149 5.45 17.97 -12.73
N ASP A 150 4.86 17.04 -13.48
CA ASP A 150 3.46 16.71 -13.26
C ASP A 150 3.22 16.10 -11.87
N PHE A 151 4.24 15.57 -11.23
CA PHE A 151 4.06 14.99 -9.90
C PHE A 151 4.37 15.95 -8.74
N ILE A 152 4.72 17.20 -9.03
CA ILE A 152 5.05 18.13 -7.96
C ILE A 152 3.84 18.37 -7.07
N SER A 153 2.68 18.65 -7.68
CA SER A 153 1.48 18.91 -6.91
C SER A 153 0.97 17.65 -6.22
N ILE A 154 1.19 16.48 -6.83
CA ILE A 154 0.86 15.22 -6.20
C ILE A 154 1.72 15.01 -4.96
N GLN A 155 3.03 15.23 -5.10
CA GLN A 155 3.96 15.10 -3.99
C GLN A 155 3.58 16.05 -2.85
N ARG A 156 3.19 17.28 -3.22
CA ARG A 156 2.83 18.28 -2.22
C ARG A 156 1.62 17.85 -1.41
N SER A 157 0.56 17.38 -2.09
CA SER A 157 -0.64 17.02 -1.37
C SER A 157 -0.43 15.74 -0.54
N LEU A 158 0.32 14.78 -1.08
CA LEU A 158 0.62 13.57 -0.32
C LEU A 158 1.55 13.88 0.86
N GLY A 159 2.51 14.78 0.66
CA GLY A 159 3.43 15.12 1.74
C GLY A 159 2.74 15.90 2.83
N ASP A 160 1.78 16.77 2.45
CA ASP A 160 0.99 17.52 3.42
C ASP A 160 0.14 16.58 4.27
N LYS A 161 -0.54 15.62 3.63
CA LYS A 161 -1.34 14.68 4.39
C LYS A 161 -0.47 13.81 5.29
N LEU A 162 0.72 13.44 4.82
CA LEU A 162 1.62 12.64 5.64
C LEU A 162 2.12 13.43 6.84
N ASP A 163 2.48 14.70 6.61
CA ASP A 163 2.87 15.58 7.71
C ASP A 163 1.80 15.59 8.80
N ASN A 164 0.54 15.79 8.40
CA ASN A 164 -0.56 15.80 9.35
C ASN A 164 -0.67 14.47 10.10
N LEU A 165 -0.39 13.37 9.42
CA LEU A 165 -0.45 12.07 10.08
C LEU A 165 0.66 11.94 11.12
N THR A 166 1.85 12.50 10.84
CA THR A 166 2.94 12.34 11.79
C THR A 166 2.67 13.10 13.08
N LYS A 167 1.78 14.09 13.07
CA LYS A 167 1.41 14.78 14.30
C LYS A 167 0.62 13.87 15.23
N GLU A 168 -0.07 12.87 14.68
CA GLU A 168 -0.93 12.03 15.47
C GLU A 168 -0.40 10.61 15.67
N TYR A 169 0.58 10.17 14.89
CA TYR A 169 1.10 8.80 14.93
C TYR A 169 2.60 8.85 15.06
N PRO A 170 3.14 8.76 16.29
CA PRO A 170 4.59 8.92 16.46
C PRO A 170 5.44 7.95 15.65
N TYR A 171 4.95 6.74 15.37
CA TYR A 171 5.80 5.84 14.59
C TYR A 171 5.97 6.34 13.16
N LEU A 172 4.99 7.06 12.62
CA LEU A 172 5.16 7.63 11.29
C LEU A 172 6.15 8.78 11.30
N LYS A 173 6.15 9.58 12.36
CA LYS A 173 7.13 10.66 12.45
C LYS A 173 8.54 10.10 12.52
N GLU A 174 8.72 9.01 13.26
CA GLU A 174 10.03 8.38 13.32
C GLU A 174 10.43 7.84 11.95
N PHE A 175 9.51 7.19 11.26
CA PHE A 175 9.79 6.73 9.90
C PHE A 175 10.22 7.89 9.01
N GLN A 176 9.46 8.99 9.05
CA GLN A 176 9.82 10.17 8.27
C GLN A 176 11.22 10.64 8.60
N ASN A 177 11.55 10.74 9.91
CA ASN A 177 12.90 11.14 10.31
C ASN A 177 13.96 10.21 9.76
N LEU A 178 13.70 8.91 9.76
CA LEU A 178 14.74 7.98 9.38
C LEU A 178 14.94 7.90 7.88
N PHE A 179 13.88 8.09 7.09
CA PHE A 179 13.94 7.72 5.67
C PHE A 179 13.47 8.78 4.69
N LEU A 180 12.59 9.71 5.07
CA LEU A 180 11.83 10.49 4.09
C LEU A 180 12.32 11.93 3.93
N LYS A 181 13.42 12.30 4.57
CA LYS A 181 13.92 13.65 4.42
C LYS A 181 14.95 13.77 3.32
N ASP A 182 15.56 12.65 2.91
CA ASP A 182 16.42 12.58 1.73
C ASP A 182 15.96 11.35 0.95
N PHE A 183 14.89 11.51 0.16
CA PHE A 183 14.40 10.41 -0.65
C PHE A 183 13.90 10.87 -2.02
N PRO A 184 14.37 10.22 -3.09
CA PRO A 184 15.36 9.14 -3.07
C PRO A 184 16.77 9.67 -2.83
N LEU A 185 17.71 8.77 -2.55
CA LEU A 185 19.09 9.17 -2.38
C LEU A 185 19.66 9.63 -3.72
N GLU A 186 20.23 10.83 -3.74
CA GLU A 186 20.81 11.30 -4.99
C GLU A 186 22.07 10.51 -5.35
N ASN A 187 22.88 10.19 -4.35
CA ASN A 187 24.06 9.34 -4.55
C ASN A 187 23.82 8.00 -3.86
N LYS A 188 23.85 6.92 -4.65
CA LYS A 188 23.55 5.59 -4.16
C LYS A 188 24.86 4.87 -3.81
N ASN A 189 25.45 5.33 -2.70
CA ASN A 189 26.79 4.90 -2.32
C ASN A 189 26.83 3.42 -1.97
N TYR A 190 25.72 2.85 -1.50
CA TYR A 190 25.68 1.45 -1.08
C TYR A 190 25.94 0.47 -2.21
N ARG A 191 25.93 0.91 -3.48
CA ARG A 191 26.19 0.02 -4.61
C ARG A 191 27.66 -0.32 -4.80
N TYR A 192 28.57 0.36 -4.10
CA TYR A 192 29.98 0.25 -4.38
C TYR A 192 30.77 -0.17 -3.13
MG MG B . -2.20 -0.32 -1.88
O01 7D7 C . -4.38 6.84 -6.05
C02 7D7 C . -3.60 5.67 -5.67
C03 7D7 C . -3.54 5.38 -4.14
O04 7D7 C . -2.69 6.39 -3.51
C05 7D7 C . -2.40 6.32 -6.21
C06 7D7 C . -1.77 5.44 -7.31
O07 7D7 C . -2.78 5.18 -8.29
C08 7D7 C . -3.22 7.41 -6.76
N09 7D7 C . -3.11 8.76 -6.41
C10 7D7 C . -2.80 9.21 -5.12
N11 7D7 C . -2.79 10.58 -5.15
C12 7D7 C . -3.10 10.98 -6.42
C13 7D7 C . -3.21 12.29 -7.01
N14 7D7 C . -3.02 13.50 -6.20
N15 7D7 C . -3.54 12.37 -8.34
C16 7D7 C . -3.74 11.26 -9.09
N17 7D7 C . -3.62 10.03 -8.56
C18 7D7 C . -3.30 9.87 -7.20
#